data_2VPJ
#
_entry.id   2VPJ
#
_cell.length_a   44.637
_cell.length_b   61.546
_cell.length_c   45.523
_cell.angle_alpha   90.00
_cell.angle_beta   111.75
_cell.angle_gamma   90.00
#
_symmetry.space_group_name_H-M   'P 1 21 1'
#
loop_
_entity.id
_entity.type
_entity.pdbx_description
1 polymer 'KELCH-LIKE PROTEIN 12'
2 non-polymer 'ACETATE ION'
3 water water
#
_entity_poly.entity_id   1
_entity_poly.type   'polypeptide(L)'
_entity_poly.pdbx_seq_one_letter_code
;SMQGPRTRARLGANEVLLVVGGFGSQQSPIDVVEKYDPKTQEWSFLPSITRKRRYVASVSLHDRIYVIGGYDGRSRLSSV
ECLDYTADEDGVWYSVAPMNVRRGLAGATTLGDMIYVSGGFDGSRRHTSMERYDPNIDQWSMLGDMQTAREGAGLVVASG
VIYCLGGYDGLNILNSVEKYDPHTGHWTNVTPMATKRSGAGVALLNDHIYVVGGFDGTAHLSSVEAYNIRTDSWTTVTSM
TTPRCYVGATVLRGRLYAIAGYDGNSLLSSIECYDPIIDSWEVVTSMGTQRCDAGVCVLRE
;
_entity_poly.pdbx_strand_id   A
#
# COMPACT_ATOMS: atom_id res chain seq x y z
N ALA A 13 19.51 -11.52 4.17
CA ALA A 13 19.57 -10.01 4.07
C ALA A 13 19.02 -9.45 2.75
N ASN A 14 18.98 -10.24 1.66
CA ASN A 14 18.43 -9.72 0.41
C ASN A 14 16.92 -9.56 0.52
N GLU A 15 16.46 -8.40 0.15
CA GLU A 15 15.08 -8.05 0.17
C GLU A 15 14.64 -7.93 -1.28
N VAL A 16 13.47 -8.49 -1.59
CA VAL A 16 12.89 -8.38 -2.93
C VAL A 16 11.54 -7.61 -2.87
N LEU A 17 11.16 -7.02 -3.99
CA LEU A 17 9.95 -6.20 -4.05
C LEU A 17 8.90 -7.00 -4.83
N LEU A 18 7.68 -7.12 -4.29
CA LEU A 18 6.54 -7.77 -4.96
C LEU A 18 5.47 -6.75 -5.35
N VAL A 19 4.95 -6.85 -6.59
CA VAL A 19 3.94 -5.92 -7.12
C VAL A 19 2.80 -6.85 -7.60
N VAL A 20 1.62 -6.67 -7.05
CA VAL A 20 0.52 -7.62 -7.22
C VAL A 20 -0.72 -6.91 -7.75
N GLY A 21 -1.30 -7.42 -8.83
CA GLY A 21 -2.54 -6.89 -9.40
C GLY A 21 -2.50 -5.39 -9.72
N GLY A 22 -3.65 -4.77 -9.56
CA GLY A 22 -3.83 -3.36 -9.88
C GLY A 22 -4.62 -3.18 -11.15
N PHE A 23 -4.56 -1.97 -11.69
CA PHE A 23 -5.20 -1.61 -12.94
C PHE A 23 -4.12 -1.49 -14.03
N GLY A 24 -4.35 -2.17 -15.15
CA GLY A 24 -3.43 -2.22 -16.26
C GLY A 24 -3.79 -1.30 -17.42
N SER A 25 -2.84 -1.17 -18.33
CA SER A 25 -2.96 -0.26 -19.46
C SER A 25 -4.00 -0.67 -20.53
N GLN A 26 -4.49 -1.90 -20.47
CA GLN A 26 -5.58 -2.38 -21.31
C GLN A 26 -6.92 -1.97 -20.70
N GLN A 27 -6.87 -1.15 -19.67
CA GLN A 27 -8.06 -0.54 -19.05
C GLN A 27 -8.87 -1.63 -18.33
N SER A 28 -8.17 -2.50 -17.61
CA SER A 28 -8.79 -3.61 -16.91
C SER A 28 -7.99 -3.92 -15.64
N PRO A 29 -8.68 -4.39 -14.58
CA PRO A 29 -7.97 -4.94 -13.43
C PRO A 29 -7.14 -6.12 -13.90
N ILE A 30 -6.01 -6.37 -13.25
CA ILE A 30 -5.11 -7.46 -13.66
C ILE A 30 -4.76 -8.41 -12.50
N ASP A 31 -4.22 -9.57 -12.87
CA ASP A 31 -3.89 -10.64 -11.93
C ASP A 31 -2.37 -10.87 -11.83
N VAL A 32 -1.58 -9.97 -12.42
CA VAL A 32 -0.14 -10.12 -12.62
C VAL A 32 0.60 -9.87 -11.31
N VAL A 33 1.60 -10.70 -11.02
CA VAL A 33 2.40 -10.55 -9.81
C VAL A 33 3.81 -10.55 -10.32
N GLU A 34 4.53 -9.47 -10.08
CA GLU A 34 5.90 -9.39 -10.50
C GLU A 34 6.81 -9.22 -9.30
N LYS A 35 8.05 -9.70 -9.43
CA LYS A 35 9.01 -9.60 -8.36
C LYS A 35 10.26 -8.91 -8.90
N TYR A 36 10.76 -7.94 -8.15
CA TYR A 36 11.99 -7.25 -8.48
C TYR A 36 13.06 -7.61 -7.47
N ASP A 37 14.18 -8.12 -7.98
CA ASP A 37 15.34 -8.43 -7.16
C ASP A 37 16.42 -7.37 -7.36
N PRO A 38 16.66 -6.53 -6.33
CA PRO A 38 17.69 -5.46 -6.43
C PRO A 38 19.10 -5.96 -6.73
N LYS A 39 19.38 -7.21 -6.37
CA LYS A 39 20.67 -7.81 -6.62
C LYS A 39 20.93 -8.08 -8.10
N THR A 40 19.94 -8.65 -8.79
CA THR A 40 20.06 -8.90 -10.23
C THR A 40 19.55 -7.74 -11.09
N GLN A 41 18.81 -6.83 -10.46
CA GLN A 41 18.08 -5.76 -11.12
C GLN A 41 17.18 -6.31 -12.20
N GLU A 42 16.67 -7.53 -11.98
CA GLU A 42 15.71 -8.16 -12.89
C GLU A 42 14.37 -8.36 -12.26
N TRP A 43 13.36 -8.34 -13.13
CA TRP A 43 11.96 -8.64 -12.80
C TRP A 43 11.64 -10.06 -13.19
N SER A 44 10.83 -10.73 -12.38
CA SER A 44 10.38 -12.07 -12.74
C SER A 44 8.91 -12.14 -12.42
N PHE A 45 8.18 -13.01 -13.11
CA PHE A 45 6.76 -13.24 -12.80
C PHE A 45 6.64 -14.37 -11.80
N LEU A 46 5.76 -14.15 -10.86
CA LEU A 46 5.29 -15.20 -9.97
C LEU A 46 3.98 -15.71 -10.56
N PRO A 47 3.46 -16.83 -10.02
CA PRO A 47 2.15 -17.29 -10.46
C PRO A 47 1.12 -16.16 -10.36
N SER A 48 0.18 -16.04 -11.29
CA SER A 48 -0.81 -14.97 -11.22
C SER A 48 -1.84 -15.24 -10.10
N ILE A 49 -2.41 -14.17 -9.54
CA ILE A 49 -3.50 -14.33 -8.60
C ILE A 49 -4.73 -14.92 -9.31
N THR A 50 -5.64 -15.47 -8.51
CA THR A 50 -6.76 -16.27 -9.05
C THR A 50 -7.79 -15.44 -9.77
N ARG A 51 -7.90 -14.18 -9.37
CA ARG A 51 -8.87 -13.27 -9.94
C ARG A 51 -8.16 -11.95 -10.24
N LYS A 52 -8.65 -11.22 -11.23
CA LYS A 52 -8.15 -9.89 -11.47
C LYS A 52 -8.62 -9.01 -10.33
N ARG A 53 -7.71 -8.25 -9.74
CA ARG A 53 -8.03 -7.37 -8.61
C ARG A 53 -7.31 -6.06 -8.83
N ARG A 54 -8.07 -4.97 -9.01
CA ARG A 54 -7.52 -3.61 -8.83
C ARG A 54 -7.78 -3.11 -7.42
N TYR A 55 -7.29 -1.90 -7.14
CA TYR A 55 -7.52 -1.22 -5.86
C TYR A 55 -7.19 -2.16 -4.68
N VAL A 56 -6.11 -2.92 -4.87
CA VAL A 56 -5.76 -4.01 -4.01
C VAL A 56 -4.61 -3.64 -3.06
N ALA A 57 -4.53 -4.37 -1.96
CA ALA A 57 -3.45 -4.21 -0.99
C ALA A 57 -2.77 -5.55 -0.84
N SER A 58 -1.51 -5.47 -0.42
CA SER A 58 -0.70 -6.64 -0.21
C SER A 58 0.27 -6.41 0.92
N VAL A 59 0.56 -7.48 1.67
CA VAL A 59 1.57 -7.46 2.76
C VAL A 59 2.28 -8.79 2.77
N SER A 60 3.44 -8.88 3.43
CA SER A 60 4.09 -10.16 3.60
C SER A 60 4.21 -10.45 5.08
N LEU A 61 4.08 -11.72 5.45
CA LEU A 61 4.18 -12.13 6.85
C LEU A 61 4.60 -13.56 6.89
N HIS A 62 5.70 -13.85 7.59
CA HIS A 62 6.23 -15.23 7.71
C HIS A 62 6.47 -15.88 6.31
N ASP A 63 7.04 -15.09 5.39
CA ASP A 63 7.38 -15.51 4.01
C ASP A 63 6.17 -15.92 3.14
N ARG A 64 5.02 -15.37 3.50
CA ARG A 64 3.79 -15.58 2.75
C ARG A 64 3.43 -14.22 2.22
N ILE A 65 3.02 -14.18 0.96
CA ILE A 65 2.53 -12.96 0.34
C ILE A 65 1.02 -13.01 0.50
N TYR A 66 0.42 -11.94 1.01
CA TYR A 66 -1.02 -11.86 1.15
C TYR A 66 -1.52 -10.82 0.17
N VAL A 67 -2.60 -11.14 -0.53
CA VAL A 67 -3.31 -10.20 -1.37
C VAL A 67 -4.69 -9.98 -0.82
N ILE A 68 -5.04 -8.72 -0.57
CA ILE A 68 -6.14 -8.33 0.33
C ILE A 68 -7.16 -7.44 -0.35
N GLY A 69 -8.37 -7.99 -0.45
CA GLY A 69 -9.51 -7.24 -1.00
C GLY A 69 -9.32 -6.74 -2.42
N GLY A 70 -9.75 -5.50 -2.68
CA GLY A 70 -9.77 -4.94 -4.01
C GLY A 70 -11.11 -4.93 -4.72
N TYR A 71 -11.03 -4.83 -6.05
CA TYR A 71 -12.17 -4.75 -6.92
C TYR A 71 -11.86 -5.51 -8.17
N ASP A 72 -12.76 -6.43 -8.56
CA ASP A 72 -12.57 -7.23 -9.77
C ASP A 72 -13.27 -6.73 -11.03
N GLY A 73 -13.81 -5.50 -11.00
CA GLY A 73 -14.54 -4.93 -12.14
C GLY A 73 -16.05 -4.97 -11.90
N ARG A 74 -16.47 -5.86 -11.01
CA ARG A 74 -17.89 -6.03 -10.66
C ARG A 74 -18.18 -5.91 -9.16
N SER A 75 -17.35 -6.56 -8.34
CA SER A 75 -17.52 -6.67 -6.90
C SER A 75 -16.28 -6.10 -6.20
N ARG A 76 -16.48 -5.36 -5.11
CA ARG A 76 -15.41 -5.14 -4.14
C ARG A 76 -15.26 -6.40 -3.30
N LEU A 77 -14.05 -6.63 -2.83
CA LEU A 77 -13.64 -7.94 -2.39
C LEU A 77 -13.28 -7.97 -0.89
N SER A 78 -13.82 -8.95 -0.18
CA SER A 78 -13.38 -9.32 1.17
C SER A 78 -12.42 -10.52 1.14
N SER A 79 -12.35 -11.14 -0.03
CA SER A 79 -11.51 -12.30 -0.27
C SER A 79 -10.05 -11.97 0.01
N VAL A 80 -9.29 -12.97 0.48
CA VAL A 80 -7.85 -12.83 0.73
C VAL A 80 -7.20 -14.13 0.26
N GLU A 81 -6.08 -14.02 -0.45
CA GLU A 81 -5.34 -15.21 -0.78
C GLU A 81 -3.90 -15.05 -0.52
N CYS A 82 -3.22 -16.19 -0.43
CA CYS A 82 -1.89 -16.26 0.14
C CYS A 82 -0.96 -17.11 -0.79
N LEU A 83 0.31 -16.69 -0.93
CA LEU A 83 1.30 -17.47 -1.67
C LEU A 83 2.54 -17.64 -0.79
N ASP A 84 2.94 -18.89 -0.58
CA ASP A 84 4.19 -19.23 0.13
C ASP A 84 5.37 -18.95 -0.80
N TYR A 85 6.19 -17.97 -0.42
CA TYR A 85 7.19 -17.41 -1.34
C TYR A 85 8.30 -18.44 -1.65
N THR A 86 8.45 -19.44 -0.79
CA THR A 86 9.38 -20.56 -1.06
C THR A 86 8.90 -21.57 -2.14
N ALA A 87 7.68 -21.43 -2.65
CA ALA A 87 7.20 -22.24 -3.79
C ALA A 87 8.07 -22.09 -5.06
N ASP A 88 8.09 -23.15 -5.87
CA ASP A 88 8.77 -23.14 -7.17
C ASP A 88 7.91 -22.44 -8.24
N GLU A 89 8.38 -22.44 -9.48
CA GLU A 89 7.61 -21.84 -10.59
C GLU A 89 6.15 -22.36 -10.76
N ASP A 90 5.86 -23.57 -10.29
CA ASP A 90 4.54 -24.18 -10.48
C ASP A 90 3.49 -23.92 -9.35
N GLY A 91 3.50 -22.74 -8.73
CA GLY A 91 2.31 -22.22 -7.99
C GLY A 91 2.50 -21.94 -6.51
N VAL A 92 1.42 -21.94 -5.72
CA VAL A 92 0.02 -21.88 -6.16
C VAL A 92 -0.62 -21.02 -5.08
N TRP A 93 -1.45 -20.06 -5.48
CA TRP A 93 -2.15 -19.21 -4.52
C TRP A 93 -3.22 -19.99 -3.79
N TYR A 94 -3.44 -19.72 -2.51
CA TYR A 94 -4.52 -20.39 -1.79
C TYR A 94 -5.29 -19.39 -0.92
N SER A 95 -6.59 -19.56 -0.84
CA SER A 95 -7.40 -18.60 -0.08
CA SER A 95 -7.46 -18.65 -0.09
C SER A 95 -7.28 -18.90 1.41
N VAL A 96 -7.44 -17.86 2.22
CA VAL A 96 -7.49 -17.93 3.66
C VAL A 96 -8.83 -17.23 4.01
N ALA A 97 -9.10 -17.01 5.28
CA ALA A 97 -10.37 -16.50 5.72
C ALA A 97 -10.64 -15.16 5.06
N PRO A 98 -11.87 -14.93 4.60
CA PRO A 98 -12.12 -13.59 4.02
C PRO A 98 -12.27 -12.56 5.13
N MET A 99 -12.04 -11.30 4.81
CA MET A 99 -12.32 -10.23 5.76
C MET A 99 -13.83 -10.13 6.05
N ASN A 100 -14.15 -9.41 7.13
CA ASN A 100 -15.52 -9.17 7.53
C ASN A 100 -16.26 -8.23 6.59
N VAL A 101 -15.49 -7.32 5.97
CA VAL A 101 -16.02 -6.25 5.13
C VAL A 101 -15.35 -6.35 3.75
N ARG A 102 -16.10 -6.07 2.69
CA ARG A 102 -15.51 -5.84 1.37
C ARG A 102 -14.77 -4.48 1.31
N ARG A 103 -13.52 -4.51 0.89
CA ARG A 103 -12.69 -3.31 0.89
C ARG A 103 -11.84 -3.13 -0.38
N GLY A 104 -12.24 -2.17 -1.22
CA GLY A 104 -11.37 -1.62 -2.27
C GLY A 104 -10.60 -0.43 -1.74
N LEU A 105 -9.31 -0.33 -2.06
CA LEU A 105 -8.48 0.83 -1.65
C LEU A 105 -8.45 1.01 -0.11
N ALA A 106 -8.20 -0.10 0.54
CA ALA A 106 -7.92 -0.13 1.95
C ALA A 106 -6.42 0.07 2.17
N GLY A 107 -6.07 0.49 3.38
CA GLY A 107 -4.67 0.42 3.83
C GLY A 107 -4.42 -0.91 4.52
N ALA A 108 -3.24 -1.49 4.31
CA ALA A 108 -2.86 -2.73 4.96
C ALA A 108 -1.42 -2.69 5.44
N THR A 109 -1.19 -3.26 6.63
CA THR A 109 0.14 -3.34 7.24
C THR A 109 0.19 -4.59 8.14
N THR A 110 1.37 -4.86 8.67
CA THR A 110 1.57 -5.88 9.68
C THR A 110 2.20 -5.24 10.90
N LEU A 111 1.90 -5.81 12.05
CA LEU A 111 2.47 -5.41 13.32
C LEU A 111 2.44 -6.68 14.11
N GLY A 112 3.59 -7.06 14.62
CA GLY A 112 3.75 -8.38 15.19
C GLY A 112 3.55 -9.43 14.10
N ASP A 113 2.74 -10.41 14.43
CA ASP A 113 2.50 -11.57 13.58
C ASP A 113 1.05 -11.54 13.12
N MET A 114 0.56 -10.33 12.90
CA MET A 114 -0.82 -10.07 12.53
C MET A 114 -0.91 -9.01 11.44
N ILE A 115 -2.00 -9.08 10.66
CA ILE A 115 -2.27 -8.14 9.57
C ILE A 115 -3.37 -7.18 10.03
N TYR A 116 -3.17 -5.90 9.80
CA TYR A 116 -4.15 -4.87 10.05
C TYR A 116 -4.57 -4.24 8.72
N VAL A 117 -5.89 -4.15 8.53
CA VAL A 117 -6.48 -3.58 7.30
C VAL A 117 -7.56 -2.57 7.68
N SER A 118 -7.42 -1.30 7.26
CA SER A 118 -8.43 -0.29 7.57
C SER A 118 -8.95 0.42 6.35
N GLY A 119 -10.15 0.98 6.52
CA GLY A 119 -10.76 1.80 5.51
C GLY A 119 -11.14 1.05 4.27
N GLY A 120 -11.22 1.77 3.17
CA GLY A 120 -11.68 1.17 1.92
C GLY A 120 -13.12 1.52 1.60
N PHE A 121 -13.51 1.12 0.41
CA PHE A 121 -14.85 1.31 -0.13
C PHE A 121 -15.44 -0.07 -0.41
N ASP A 122 -16.72 -0.25 -0.16
CA ASP A 122 -17.37 -1.57 -0.41
C ASP A 122 -18.31 -1.54 -1.60
N GLY A 123 -18.33 -0.41 -2.30
CA GLY A 123 -19.28 -0.17 -3.36
C GLY A 123 -20.46 0.70 -2.97
N SER A 124 -20.71 0.81 -1.67
CA SER A 124 -21.75 1.68 -1.12
C SER A 124 -21.14 2.78 -0.28
N ARG A 125 -20.37 2.37 0.74
CA ARG A 125 -19.85 3.25 1.77
C ARG A 125 -18.33 3.16 1.88
N ARG A 126 -17.69 4.26 2.29
CA ARG A 126 -16.27 4.19 2.74
C ARG A 126 -16.26 3.78 4.21
N HIS A 127 -15.22 3.05 4.62
CA HIS A 127 -15.16 2.46 5.97
C HIS A 127 -14.32 3.26 6.96
N THR A 128 -14.81 3.36 8.19
CA THR A 128 -14.00 3.80 9.30
C THR A 128 -13.37 2.59 9.98
N SER A 129 -13.85 1.38 9.72
CA SER A 129 -13.41 0.19 10.48
C SER A 129 -12.02 -0.28 10.13
N MET A 130 -11.35 -0.85 11.12
CA MET A 130 -10.13 -1.61 10.89
C MET A 130 -10.35 -3.01 11.41
N GLU A 131 -9.77 -3.99 10.72
CA GLU A 131 -9.81 -5.36 11.20
C GLU A 131 -8.46 -6.06 11.11
N ARG A 132 -8.33 -7.12 11.89
CA ARG A 132 -7.04 -7.73 12.13
C ARG A 132 -7.08 -9.21 11.86
N TYR A 133 -6.03 -9.71 11.19
CA TYR A 133 -5.92 -11.11 10.82
C TYR A 133 -4.87 -11.81 11.68
N ASP A 134 -5.28 -12.92 12.30
CA ASP A 134 -4.37 -13.79 13.01
C ASP A 134 -4.16 -15.08 12.21
N PRO A 135 -2.95 -15.25 11.64
CA PRO A 135 -2.60 -16.44 10.86
C PRO A 135 -2.71 -17.74 11.63
N ASN A 136 -2.51 -17.70 12.94
CA ASN A 136 -2.51 -18.92 13.75
C ASN A 136 -3.91 -19.51 13.79
N ILE A 137 -4.93 -18.67 13.84
CA ILE A 137 -6.29 -19.19 13.88
C ILE A 137 -7.06 -19.00 12.58
N ASP A 138 -6.53 -18.25 11.63
CA ASP A 138 -7.21 -17.92 10.38
C ASP A 138 -8.52 -17.19 10.68
N GLN A 139 -8.42 -16.11 11.44
CA GLN A 139 -9.60 -15.32 11.77
C GLN A 139 -9.32 -13.84 11.60
N TRP A 140 -10.30 -13.10 11.07
CA TRP A 140 -10.35 -11.61 11.09
C TRP A 140 -11.20 -11.09 12.25
N SER A 141 -10.65 -10.13 13.01
CA SER A 141 -11.35 -9.53 14.15
C SER A 141 -11.58 -8.06 13.90
N MET A 142 -12.80 -7.60 14.15
CA MET A 142 -13.10 -6.17 14.05
C MET A 142 -12.45 -5.40 15.19
N LEU A 143 -11.79 -4.31 14.85
CA LEU A 143 -11.16 -3.46 15.84
C LEU A 143 -11.87 -2.10 15.83
N GLY A 144 -11.30 -1.13 16.55
CA GLY A 144 -11.87 0.20 16.65
C GLY A 144 -11.96 0.96 15.34
N ASP A 145 -12.87 1.91 15.29
CA ASP A 145 -13.15 2.68 14.09
C ASP A 145 -12.37 3.97 14.07
N MET A 146 -11.85 4.31 12.90
CA MET A 146 -11.30 5.65 12.67
C MET A 146 -12.38 6.71 12.86
N GLN A 147 -11.93 7.95 13.08
CA GLN A 147 -12.83 9.09 13.16
C GLN A 147 -13.45 9.50 11.80
N THR A 148 -12.68 9.37 10.72
CA THR A 148 -13.10 9.72 9.39
C THR A 148 -13.01 8.47 8.53
N ALA A 149 -14.11 8.18 7.82
CA ALA A 149 -14.17 7.10 6.83
C ALA A 149 -13.23 7.42 5.67
N ARG A 150 -12.44 6.45 5.23
CA ARG A 150 -11.53 6.75 4.13
C ARG A 150 -11.23 5.59 3.21
N GLU A 151 -11.18 5.91 1.93
CA GLU A 151 -10.55 5.07 0.91
C GLU A 151 -9.32 5.79 0.40
N GLY A 152 -8.39 5.03 -0.14
CA GLY A 152 -7.18 5.62 -0.70
C GLY A 152 -6.18 6.16 0.30
N ALA A 153 -6.30 5.74 1.57
CA ALA A 153 -5.34 6.07 2.60
C ALA A 153 -4.29 4.96 2.71
N GLY A 154 -3.06 5.35 3.03
CA GLY A 154 -2.03 4.37 3.41
C GLY A 154 -2.03 4.00 4.90
N LEU A 155 -1.57 2.81 5.23
CA LEU A 155 -1.37 2.38 6.62
C LEU A 155 0.08 2.09 6.76
N VAL A 156 0.65 2.50 7.88
CA VAL A 156 2.07 2.33 8.13
C VAL A 156 2.24 2.08 9.63
N VAL A 157 3.22 1.26 10.00
CA VAL A 157 3.58 1.05 11.41
C VAL A 157 4.91 1.73 11.67
N ALA A 158 4.95 2.50 12.74
CA ALA A 158 6.17 3.18 13.19
C ALA A 158 6.24 2.98 14.69
N SER A 159 7.27 2.26 15.15
CA SER A 159 7.49 1.98 16.58
C SER A 159 6.25 1.50 17.31
N GLY A 160 5.63 0.46 16.76
CA GLY A 160 4.51 -0.24 17.39
C GLY A 160 3.12 0.42 17.32
N VAL A 161 3.00 1.51 16.57
CA VAL A 161 1.78 2.31 16.45
C VAL A 161 1.43 2.40 14.96
N ILE A 162 0.14 2.32 14.63
CA ILE A 162 -0.30 2.36 13.23
C ILE A 162 -0.82 3.74 12.86
N TYR A 163 -0.39 4.23 11.70
CA TYR A 163 -0.80 5.53 11.18
C TYR A 163 -1.56 5.35 9.91
N CYS A 164 -2.66 6.06 9.82
CA CYS A 164 -3.47 6.05 8.63
C CYS A 164 -3.51 7.49 8.13
N LEU A 165 -3.10 7.68 6.87
CA LEU A 165 -2.84 9.00 6.31
C LEU A 165 -3.65 9.32 5.05
N GLY A 166 -4.46 10.38 5.11
CA GLY A 166 -5.03 10.99 3.93
C GLY A 166 -6.16 10.13 3.43
N GLY A 167 -6.36 10.13 2.13
CA GLY A 167 -7.50 9.40 1.56
C GLY A 167 -8.62 10.30 1.11
N TYR A 168 -9.80 9.72 1.04
CA TYR A 168 -10.93 10.31 0.39
C TYR A 168 -12.16 9.79 1.07
N ASP A 169 -13.06 10.68 1.48
CA ASP A 169 -14.23 10.24 2.26
C ASP A 169 -15.53 10.15 1.46
N GLY A 170 -15.43 10.29 0.15
CA GLY A 170 -16.63 10.28 -0.74
C GLY A 170 -17.06 11.66 -1.20
N LEU A 171 -16.47 12.71 -0.63
CA LEU A 171 -16.61 14.09 -1.11
C LEU A 171 -15.27 14.85 -1.07
N ASN A 172 -14.55 14.71 0.05
CA ASN A 172 -13.31 15.43 0.27
C ASN A 172 -12.05 14.56 0.24
N ILE A 173 -11.00 15.06 -0.41
CA ILE A 173 -9.66 14.54 -0.23
C ILE A 173 -9.11 15.01 1.16
N LEU A 174 -8.44 14.12 1.86
CA LEU A 174 -8.13 14.36 3.28
C LEU A 174 -6.67 14.61 3.48
N ASN A 175 -6.29 15.52 4.38
CA ASN A 175 -4.91 15.61 4.85
C ASN A 175 -4.77 15.15 6.30
N SER A 176 -5.86 14.61 6.84
CA SER A 176 -5.92 14.21 8.24
C SER A 176 -5.15 12.91 8.42
N VAL A 177 -4.54 12.79 9.60
CA VAL A 177 -3.76 11.61 9.93
C VAL A 177 -4.25 11.09 11.28
N GLU A 178 -4.54 9.79 11.35
CA GLU A 178 -4.94 9.15 12.60
C GLU A 178 -3.94 8.09 12.95
N LYS A 179 -3.74 7.92 14.25
CA LYS A 179 -2.93 6.87 14.76
C LYS A 179 -3.70 5.94 15.69
N TYR A 180 -3.27 4.68 15.67
CA TYR A 180 -3.91 3.63 16.42
C TYR A 180 -2.86 2.91 17.24
N ASP A 181 -3.11 2.82 18.54
CA ASP A 181 -2.19 2.14 19.41
C ASP A 181 -2.79 0.78 19.79
N PRO A 182 -2.09 -0.32 19.48
CA PRO A 182 -2.60 -1.63 19.88
C PRO A 182 -2.76 -1.81 21.37
N HIS A 183 -2.02 -1.02 22.16
CA HIS A 183 -2.13 -1.07 23.60
C HIS A 183 -3.40 -0.43 24.10
N THR A 184 -3.91 0.57 23.39
CA THR A 184 -5.16 1.23 23.86
C THR A 184 -6.38 0.76 23.08
N GLY A 185 -6.15 0.34 21.85
CA GLY A 185 -7.21 -0.02 20.92
C GLY A 185 -7.97 1.16 20.35
N HIS A 186 -7.40 2.38 20.50
CA HIS A 186 -8.07 3.64 20.12
C HIS A 186 -7.34 4.34 18.97
N TRP A 187 -8.13 4.98 18.11
CA TRP A 187 -7.66 5.93 17.12
C TRP A 187 -7.73 7.35 17.68
N THR A 188 -6.67 8.11 17.47
CA THR A 188 -6.66 9.52 17.84
C THR A 188 -6.05 10.31 16.69
N ASN A 189 -6.37 11.60 16.55
CA ASN A 189 -5.76 12.37 15.45
C ASN A 189 -4.34 12.86 15.76
N VAL A 190 -3.50 12.93 14.73
CA VAL A 190 -2.23 13.61 14.87
C VAL A 190 -2.21 14.79 13.92
N THR A 191 -1.13 15.59 13.98
CA THR A 191 -0.96 16.75 13.08
C THR A 191 -1.08 16.30 11.62
N PRO A 192 -1.91 16.99 10.82
CA PRO A 192 -2.15 16.67 9.41
C PRO A 192 -1.03 17.00 8.44
N MET A 193 -1.07 16.37 7.27
CA MET A 193 -0.14 16.67 6.18
C MET A 193 -0.38 18.09 5.72
N ALA A 194 0.62 18.65 5.04
CA ALA A 194 0.49 19.95 4.42
C ALA A 194 -0.56 19.90 3.32
N THR A 195 -0.44 18.89 2.49
CA THR A 195 -1.26 18.73 1.31
C THR A 195 -2.19 17.53 1.47
N LYS A 196 -3.47 17.75 1.22
CA LYS A 196 -4.43 16.64 1.07
C LYS A 196 -4.14 15.71 -0.11
N ARG A 197 -4.18 14.42 0.16
CA ARG A 197 -3.73 13.41 -0.79
C ARG A 197 -4.58 12.17 -0.69
N SER A 198 -5.10 11.70 -1.81
CA SER A 198 -5.67 10.37 -1.91
C SER A 198 -4.82 9.52 -2.89
N GLY A 199 -4.69 8.23 -2.63
CA GLY A 199 -3.83 7.39 -3.43
C GLY A 199 -2.32 7.65 -3.35
N ALA A 200 -1.85 8.22 -2.25
CA ALA A 200 -0.43 8.42 -2.04
C ALA A 200 0.15 7.10 -1.51
N GLY A 201 1.45 6.92 -1.68
CA GLY A 201 2.12 5.71 -1.19
C GLY A 201 2.70 6.05 0.15
N VAL A 202 2.70 5.15 1.11
CA VAL A 202 3.29 5.49 2.42
C VAL A 202 4.27 4.38 2.94
N ALA A 203 5.38 4.82 3.57
CA ALA A 203 6.40 3.94 4.13
C ALA A 203 7.21 4.63 5.22
N LEU A 204 7.81 3.83 6.10
CA LEU A 204 8.67 4.36 7.14
C LEU A 204 10.14 4.14 6.79
N LEU A 205 10.94 5.20 6.95
CA LEU A 205 12.35 5.17 6.67
C LEU A 205 13.01 6.04 7.72
N ASN A 206 13.92 5.42 8.47
CA ASN A 206 14.60 6.04 9.61
C ASN A 206 13.51 6.38 10.60
N ASP A 207 13.41 7.61 11.07
CA ASP A 207 12.37 7.88 12.10
C ASP A 207 11.15 8.59 11.51
N HIS A 208 11.02 8.56 10.18
CA HIS A 208 10.04 9.38 9.45
C HIS A 208 9.03 8.55 8.61
N ILE A 209 7.75 8.87 8.71
CA ILE A 209 6.81 8.34 7.73
C ILE A 209 6.82 9.27 6.50
N TYR A 210 7.28 8.74 5.38
CA TYR A 210 7.19 9.42 4.08
C TYR A 210 5.84 9.13 3.36
N VAL A 211 5.26 10.19 2.80
CA VAL A 211 4.07 10.07 1.98
C VAL A 211 4.42 10.65 0.63
N VAL A 212 4.16 9.86 -0.41
CA VAL A 212 4.65 10.09 -1.75
C VAL A 212 3.46 10.17 -2.71
N GLY A 213 3.44 11.25 -3.48
CA GLY A 213 2.47 11.43 -4.55
C GLY A 213 1.02 11.48 -4.10
N GLY A 214 0.17 10.92 -4.94
CA GLY A 214 -1.27 10.97 -4.81
C GLY A 214 -1.97 12.06 -5.61
N PHE A 215 -3.23 12.24 -5.27
CA PHE A 215 -4.11 13.18 -5.94
C PHE A 215 -4.75 14.08 -4.89
N ASP A 216 -4.68 15.39 -5.12
CA ASP A 216 -5.14 16.42 -4.16
C ASP A 216 -6.53 17.01 -4.45
N GLY A 217 -7.26 16.45 -5.41
CA GLY A 217 -8.55 16.96 -5.82
C GLY A 217 -8.47 17.71 -7.14
N THR A 218 -7.29 18.26 -7.43
CA THR A 218 -6.99 19.03 -8.65
C THR A 218 -5.94 18.30 -9.50
N ALA A 219 -4.77 18.09 -8.89
CA ALA A 219 -3.56 17.69 -9.62
C ALA A 219 -3.05 16.36 -9.09
N HIS A 220 -2.41 15.59 -9.98
CA HIS A 220 -1.70 14.37 -9.60
C HIS A 220 -0.32 14.85 -9.15
N LEU A 221 0.14 14.32 -8.02
CA LEU A 221 1.24 14.92 -7.26
C LEU A 221 2.55 14.16 -7.41
N SER A 222 3.64 14.91 -7.52
CA SER A 222 5.00 14.41 -7.35
C SER A 222 5.56 14.80 -5.99
N SER A 223 4.79 15.58 -5.26
CA SER A 223 5.26 16.07 -4.01
C SER A 223 5.40 14.93 -3.00
N VAL A 224 6.36 15.11 -2.11
CA VAL A 224 6.63 14.21 -0.99
C VAL A 224 6.73 15.00 0.34
N GLU A 225 6.16 14.40 1.39
CA GLU A 225 6.26 14.90 2.74
C GLU A 225 6.74 13.83 3.72
N ALA A 226 7.42 14.25 4.79
CA ALA A 226 7.90 13.32 5.81
C ALA A 226 7.46 13.81 7.18
N TYR A 227 6.96 12.87 7.97
CA TYR A 227 6.49 13.11 9.30
C TYR A 227 7.51 12.55 10.28
N ASN A 228 8.00 13.41 11.17
CA ASN A 228 8.81 12.99 12.32
C ASN A 228 7.93 12.47 13.44
N ILE A 229 7.95 11.16 13.66
CA ILE A 229 7.03 10.56 14.64
C ILE A 229 7.37 11.04 16.07
N ARG A 230 8.67 11.29 16.32
CA ARG A 230 9.15 11.82 17.61
C ARG A 230 8.70 13.27 17.91
N THR A 231 8.64 14.12 16.88
CA THR A 231 8.30 15.53 17.05
C THR A 231 6.88 15.96 16.54
N ASP A 232 6.01 15.01 16.20
CA ASP A 232 4.68 15.29 15.59
C ASP A 232 4.71 16.45 14.57
N SER A 233 5.70 16.44 13.66
CA SER A 233 5.80 17.49 12.64
C SER A 233 6.16 17.01 11.24
N TRP A 234 5.62 17.76 10.27
CA TRP A 234 5.74 17.50 8.87
C TRP A 234 6.75 18.42 8.20
N THR A 235 7.47 17.85 7.24
CA THR A 235 8.37 18.62 6.40
C THR A 235 8.22 18.19 4.94
N THR A 236 8.47 19.12 4.03
CA THR A 236 8.52 18.86 2.58
C THR A 236 9.82 18.16 2.18
N VAL A 237 9.69 17.17 1.32
CA VAL A 237 10.84 16.41 0.83
C VAL A 237 10.95 16.67 -0.66
N THR A 238 12.15 16.45 -1.18
CA THR A 238 12.42 16.50 -2.60
C THR A 238 11.33 15.75 -3.35
N SER A 239 10.83 16.33 -4.45
CA SER A 239 9.78 15.68 -5.25
C SER A 239 10.24 14.52 -6.12
N MET A 240 9.31 13.63 -6.42
CA MET A 240 9.58 12.50 -7.29
C MET A 240 9.91 12.99 -8.69
N THR A 241 10.51 12.11 -9.49
CA THR A 241 10.87 12.44 -10.89
C THR A 241 9.63 12.77 -11.75
N THR A 242 8.46 12.30 -11.28
CA THR A 242 7.17 12.38 -12.00
C THR A 242 6.02 12.32 -11.01
N PRO A 243 4.88 12.97 -11.34
CA PRO A 243 3.67 12.73 -10.54
C PRO A 243 3.29 11.25 -10.54
N ARG A 244 2.84 10.71 -9.40
CA ARG A 244 2.37 9.32 -9.30
C ARG A 244 1.22 9.27 -8.31
N CYS A 245 0.08 8.85 -8.80
CA CYS A 245 -1.14 8.65 -8.02
CA CYS A 245 -1.03 8.59 -7.89
C CYS A 245 -1.48 7.16 -8.06
N TYR A 246 -2.12 6.65 -7.01
CA TYR A 246 -2.39 5.20 -6.86
C TYR A 246 -1.07 4.45 -7.05
N VAL A 247 -0.08 4.97 -6.33
CA VAL A 247 1.31 4.58 -6.36
C VAL A 247 1.63 3.77 -5.10
N GLY A 248 2.40 2.71 -5.28
CA GLY A 248 2.89 1.90 -4.17
C GLY A 248 4.14 2.51 -3.56
N ALA A 249 4.35 2.27 -2.26
CA ALA A 249 5.58 2.71 -1.60
C ALA A 249 6.03 1.63 -0.65
N THR A 250 7.33 1.45 -0.57
CA THR A 250 7.92 0.55 0.42
C THR A 250 9.39 0.90 0.55
N VAL A 251 10.09 0.19 1.43
CA VAL A 251 11.51 0.44 1.68
C VAL A 251 12.22 -0.87 1.41
N LEU A 252 13.25 -0.82 0.59
CA LEU A 252 14.15 -1.97 0.34
C LEU A 252 15.54 -1.45 0.70
N ARG A 253 16.18 -2.08 1.67
CA ARG A 253 17.59 -1.80 1.97
C ARG A 253 17.87 -0.31 2.24
N GLY A 254 17.06 0.31 3.09
CA GLY A 254 17.29 1.70 3.49
C GLY A 254 16.97 2.79 2.49
N ARG A 255 16.26 2.43 1.43
CA ARG A 255 15.81 3.41 0.45
C ARG A 255 14.33 3.28 0.22
N LEU A 256 13.69 4.43 -0.01
CA LEU A 256 12.24 4.52 -0.24
C LEU A 256 11.92 4.30 -1.70
N TYR A 257 11.03 3.34 -2.00
CA TYR A 257 10.69 3.05 -3.40
C TYR A 257 9.29 3.50 -3.68
N ALA A 258 9.07 4.16 -4.82
CA ALA A 258 7.74 4.44 -5.31
C ALA A 258 7.49 3.66 -6.58
N ILE A 259 6.36 2.95 -6.58
CA ILE A 259 6.07 1.89 -7.54
C ILE A 259 4.87 2.24 -8.44
N ALA A 260 5.18 2.43 -9.72
CA ALA A 260 4.18 2.56 -10.76
C ALA A 260 3.27 3.76 -10.54
N GLY A 261 1.97 3.62 -10.81
CA GLY A 261 1.03 4.74 -10.62
C GLY A 261 0.61 5.40 -11.89
N TYR A 262 -0.20 6.43 -11.72
CA TYR A 262 -0.75 7.24 -12.82
C TYR A 262 -0.10 8.60 -12.75
N ASP A 263 0.48 9.08 -13.84
CA ASP A 263 1.12 10.39 -13.83
C ASP A 263 0.21 11.54 -14.30
N GLY A 264 -1.07 11.28 -14.51
CA GLY A 264 -1.98 12.30 -15.02
C GLY A 264 -2.17 12.12 -16.52
N ASN A 265 -1.31 11.32 -17.17
CA ASN A 265 -1.42 11.08 -18.60
C ASN A 265 -1.43 9.59 -18.89
N SER A 266 -0.53 8.84 -18.27
CA SER A 266 -0.48 7.40 -18.51
C SER A 266 -0.17 6.60 -17.25
N LEU A 267 -0.49 5.30 -17.29
CA LEU A 267 -0.03 4.38 -16.26
C LEU A 267 1.48 4.19 -16.44
N LEU A 268 2.16 3.89 -15.35
CA LEU A 268 3.61 3.86 -15.30
C LEU A 268 4.08 2.42 -15.03
N SER A 269 5.19 2.04 -15.65
CA SER A 269 5.87 0.79 -15.39
C SER A 269 7.12 1.01 -14.54
N SER A 270 7.51 2.28 -14.35
CA SER A 270 8.76 2.61 -13.69
C SER A 270 8.62 2.55 -12.18
N ILE A 271 9.76 2.31 -11.54
CA ILE A 271 9.93 2.32 -10.12
C ILE A 271 11.09 3.31 -9.88
N GLU A 272 10.92 4.21 -8.91
CA GLU A 272 11.96 5.15 -8.54
C GLU A 272 12.21 5.11 -7.05
N CYS A 273 13.44 5.47 -6.69
CA CYS A 273 13.97 5.27 -5.38
C CYS A 273 14.55 6.56 -4.82
N TYR A 274 14.35 6.77 -3.51
CA TYR A 274 14.73 7.98 -2.80
C TYR A 274 15.74 7.68 -1.72
N ASP A 275 16.79 8.49 -1.69
CA ASP A 275 17.81 8.35 -0.65
C ASP A 275 17.93 9.68 0.12
N PRO A 276 17.62 9.66 1.43
CA PRO A 276 17.59 10.90 2.18
C PRO A 276 18.96 11.55 2.36
N ILE A 277 20.03 10.74 2.35
CA ILE A 277 21.35 11.29 2.60
C ILE A 277 21.84 12.08 1.37
N ILE A 278 21.71 11.53 0.16
CA ILE A 278 22.01 12.31 -1.04
C ILE A 278 20.79 13.12 -1.53
N ASP A 279 19.63 12.89 -0.91
CA ASP A 279 18.40 13.65 -1.15
C ASP A 279 18.02 13.76 -2.65
N SER A 280 17.78 12.59 -3.22
CA SER A 280 17.58 12.45 -4.63
C SER A 280 16.62 11.29 -4.91
N TRP A 281 15.68 11.52 -5.82
CA TRP A 281 14.94 10.47 -6.49
C TRP A 281 15.53 10.12 -7.84
N GLU A 282 15.58 8.82 -8.17
CA GLU A 282 15.87 8.42 -9.54
C GLU A 282 15.08 7.15 -9.91
N VAL A 283 14.65 7.07 -11.18
CA VAL A 283 14.12 5.83 -11.74
C VAL A 283 15.23 4.79 -11.83
N VAL A 284 14.96 3.62 -11.25
CA VAL A 284 15.94 2.57 -11.19
C VAL A 284 15.58 1.40 -12.08
N THR A 285 14.32 1.25 -12.47
CA THR A 285 13.90 0.09 -13.23
C THR A 285 12.46 0.30 -13.74
N SER A 286 12.03 -0.58 -14.63
CA SER A 286 10.67 -0.66 -15.13
C SER A 286 10.20 -2.10 -15.12
N MET A 287 8.95 -2.32 -14.69
CA MET A 287 8.30 -3.62 -14.84
C MET A 287 7.94 -3.89 -16.28
N GLY A 288 7.43 -5.11 -16.52
CA GLY A 288 6.88 -5.47 -17.83
C GLY A 288 5.45 -5.03 -18.02
N THR A 289 4.84 -4.52 -16.96
CA THR A 289 3.45 -4.07 -16.98
C THR A 289 3.37 -2.57 -16.53
N GLN A 290 2.46 -1.83 -17.13
CA GLN A 290 2.14 -0.49 -16.65
C GLN A 290 0.94 -0.67 -15.74
N ARG A 291 0.99 -0.08 -14.55
CA ARG A 291 -0.14 -0.19 -13.62
C ARG A 291 -0.34 0.92 -12.61
N CYS A 292 -1.54 0.96 -12.03
CA CYS A 292 -1.76 1.73 -10.83
C CYS A 292 -2.67 0.93 -9.89
N ASP A 293 -2.72 1.37 -8.64
CA ASP A 293 -3.49 0.75 -7.55
C ASP A 293 -3.18 -0.72 -7.38
N ALA A 294 -1.90 -1.03 -7.60
CA ALA A 294 -1.29 -2.33 -7.30
C ALA A 294 -0.99 -2.46 -5.80
N GLY A 295 -1.00 -3.68 -5.27
CA GLY A 295 -0.49 -3.90 -3.92
C GLY A 295 1.02 -4.11 -3.98
N VAL A 296 1.73 -3.73 -2.92
CA VAL A 296 3.18 -3.85 -2.91
C VAL A 296 3.64 -4.33 -1.55
N CYS A 297 4.68 -5.14 -1.54
CA CYS A 297 5.34 -5.51 -0.31
C CYS A 297 6.77 -5.98 -0.56
N VAL A 298 7.49 -6.20 0.54
CA VAL A 298 8.87 -6.66 0.53
C VAL A 298 8.99 -8.01 1.27
N LEU A 299 9.73 -8.93 0.67
CA LEU A 299 10.10 -10.16 1.32
C LEU A 299 11.61 -10.17 1.53
N ARG A 300 12.05 -10.73 2.65
CA ARG A 300 13.45 -10.97 2.87
C ARG A 300 13.73 -12.40 2.38
N GLU A 301 14.79 -12.56 1.59
CA GLU A 301 15.25 -13.89 1.20
C GLU A 301 16.35 -14.37 2.15
#